data_4E77
#
_entry.id   4E77
#
_cell.length_a   60.540
_cell.length_b   60.540
_cell.length_c   182.480
_cell.angle_alpha   90.00
_cell.angle_beta   90.00
_cell.angle_gamma   120.00
#
_symmetry.space_group_name_H-M   'P 31 2 1'
#
loop_
_entity.id
_entity.type
_entity.pdbx_description
1 polymer 'Glutamate-1-semialdehyde 2,1-aminomutase'
2 non-polymer 'SODIUM ION'
3 non-polymer 'NITRATE ION'
4 water water
#
_entity_poly.entity_id   1
_entity_poly.type   'polypeptide(L)'
_entity_poly.pdbx_seq_one_letter_code
;SNA(MSE)SKSENLYAQAQQLIPGGVNSPVRAFTGVGGIPLFIERADGAYLFDVDGKAYIDYVGSWGP(MSE)ILGHNHP
AIRQAVIEAVERGLSFGAPTE(MSE)EVK(MSE)AQLVTDLVPT(MSE)D(MSE)VR(MSE)VNSGTEAT(MSE)SAIRL
ARGYTGRDKIIKFEGCYHGHADCLLVKAGSGALTLGQPNSPGVPTDFAKHTLTCTYNDLASVRQAFEQYPQEVACIIVEP
VAGN(MSE)NCIPPLPEFLPGLRALCDEFGALLIIDEV(MSE)TGFRVALAGAQDYYHVIPDLTCLGKIIGGG(MSE)PV
GAFGGRREV(MSE)NALAPTGPVYQAGTLSGNPIA(MSE)AAGFACLTEISQVGVYETLTELTDSLATGLRHAAKEENIP
LVVNHVGG(MSE)FGLFFTNADTVTCYQDV(MSE)NCDVERFKRFFHL(MSE)LEEGVYLAPSAFEAGF(MSE)SLAHSN
EDIQKTVNAARRCFAKL
;
_entity_poly.pdbx_strand_id   A
#
loop_
_chem_comp.id
_chem_comp.type
_chem_comp.name
_chem_comp.formula
NA non-polymer 'SODIUM ION' 'Na 1'
NO3 non-polymer 'NITRATE ION' 'N O3 -1'
#
# COMPACT_ATOMS: atom_id res chain seq x y z
N MSE A 4 6.86 31.53 -13.81
CA MSE A 4 6.84 30.09 -14.07
C MSE A 4 8.06 29.40 -13.45
O MSE A 4 9.21 29.75 -13.76
CB MSE A 4 6.80 29.83 -15.58
N SER A 5 7.80 28.43 -12.54
CA SER A 5 8.79 27.61 -11.82
C SER A 5 9.39 26.52 -12.74
N LYS A 6 10.41 25.77 -12.26
CA LYS A 6 10.98 24.65 -13.04
C LYS A 6 9.96 23.50 -13.17
N SER A 7 9.14 23.28 -12.14
CA SER A 7 8.07 22.29 -12.20
C SER A 7 7.01 22.62 -13.25
N GLU A 8 6.61 23.89 -13.30
CA GLU A 8 5.65 24.36 -14.31
C GLU A 8 6.19 24.19 -15.73
N ASN A 9 7.49 24.48 -15.94
CA ASN A 9 8.16 24.33 -17.25
C ASN A 9 8.25 22.87 -17.65
N LEU A 10 8.61 22.00 -16.70
CA LEU A 10 8.69 20.56 -16.96
C LEU A 10 7.30 20.01 -17.30
N TYR A 11 6.26 20.49 -16.59
CA TYR A 11 4.88 20.07 -16.85
C TYR A 11 4.42 20.48 -18.27
N ALA A 12 4.73 21.72 -18.70
CA ALA A 12 4.39 22.19 -20.05
C ALA A 12 5.09 21.32 -21.12
N GLN A 13 6.39 21.05 -20.90
CA GLN A 13 7.24 20.20 -21.73
C GLN A 13 6.66 18.78 -21.81
N ALA A 14 6.33 18.20 -20.64
CA ALA A 14 5.76 16.86 -20.51
C ALA A 14 4.44 16.71 -21.25
N GLN A 15 3.58 17.76 -21.23
CA GLN A 15 2.25 17.72 -21.87
C GLN A 15 2.32 17.56 -23.39
N GLN A 16 3.42 17.98 -24.03
CA GLN A 16 3.58 17.82 -25.48
C GLN A 16 3.80 16.36 -25.90
N LEU A 17 4.44 15.55 -25.03
CA LEU A 17 4.80 14.17 -25.38
C LEU A 17 4.14 13.09 -24.56
N ILE A 18 3.59 13.42 -23.41
CA ILE A 18 2.98 12.45 -22.50
C ILE A 18 1.52 12.91 -22.28
N PRO A 19 0.51 12.04 -22.55
CA PRO A 19 -0.88 12.47 -22.31
C PRO A 19 -1.09 12.94 -20.87
N GLY A 20 -1.54 14.17 -20.72
CA GLY A 20 -1.76 14.78 -19.41
C GLY A 20 -0.52 15.22 -18.67
N GLY A 21 0.65 15.09 -19.32
CA GLY A 21 1.94 15.47 -18.75
C GLY A 21 2.51 14.55 -17.70
N VAL A 22 1.83 13.42 -17.39
CA VAL A 22 2.31 12.46 -16.38
C VAL A 22 2.10 11.01 -16.86
N ASN A 23 2.93 10.10 -16.33
CA ASN A 23 2.84 8.66 -16.64
C ASN A 23 1.78 7.99 -15.77
N SER A 24 1.59 8.45 -14.53
CA SER A 24 0.60 7.93 -13.60
C SER A 24 -0.51 8.99 -13.39
N PRO A 25 -1.75 8.76 -13.88
CA PRO A 25 -2.83 9.77 -13.76
C PRO A 25 -3.04 10.44 -12.39
N VAL A 26 -2.77 9.74 -11.26
CA VAL A 26 -2.91 10.35 -9.92
C VAL A 26 -1.84 11.46 -9.72
N ARG A 27 -0.65 11.26 -10.33
CA ARG A 27 0.46 12.20 -10.28
C ARG A 27 0.19 13.47 -11.10
N ALA A 28 -0.96 13.54 -11.82
CA ALA A 28 -1.39 14.70 -12.60
C ALA A 28 -2.09 15.72 -11.72
N PHE A 29 -2.28 15.37 -10.41
CA PHE A 29 -2.95 16.18 -9.39
C PHE A 29 -4.45 16.36 -9.73
N THR A 30 -5.01 15.38 -10.44
CA THR A 30 -6.42 15.43 -10.83
C THR A 30 -7.30 15.43 -9.59
N GLY A 31 -6.87 14.66 -8.59
CA GLY A 31 -7.56 14.59 -7.32
C GLY A 31 -7.60 15.91 -6.59
N VAL A 32 -6.51 16.67 -6.66
CA VAL A 32 -6.43 17.95 -5.97
C VAL A 32 -6.48 19.22 -6.83
N GLY A 33 -6.18 19.10 -8.13
CA GLY A 33 -6.14 20.24 -9.02
C GLY A 33 -4.77 20.92 -9.01
N GLY A 34 -4.53 21.82 -9.97
CA GLY A 34 -3.23 22.50 -10.05
C GLY A 34 -2.18 21.73 -10.82
N ILE A 35 -0.97 22.30 -10.90
CA ILE A 35 0.18 21.71 -11.61
C ILE A 35 0.98 20.81 -10.64
N PRO A 36 1.29 19.53 -11.03
CA PRO A 36 2.04 18.65 -10.12
C PRO A 36 3.44 19.16 -9.80
N LEU A 37 3.97 18.69 -8.68
CA LEU A 37 5.31 18.99 -8.23
C LEU A 37 6.26 17.98 -8.83
N PHE A 38 7.31 18.44 -9.53
CA PHE A 38 8.35 17.55 -10.06
C PHE A 38 9.43 17.43 -8.98
N ILE A 39 9.88 16.21 -8.68
CA ILE A 39 10.84 16.00 -7.60
C ILE A 39 12.27 15.71 -8.06
N GLU A 40 13.20 16.54 -7.62
CA GLU A 40 14.63 16.33 -7.85
C GLU A 40 15.30 15.19 -7.07
N ARG A 41 15.02 15.11 -5.77
CA ARG A 41 15.65 14.14 -4.88
C ARG A 41 14.89 13.99 -3.57
N ALA A 42 15.27 13.01 -2.76
CA ALA A 42 14.61 12.77 -1.48
C ALA A 42 15.61 12.23 -0.49
N ASP A 43 15.46 12.57 0.79
CA ASP A 43 16.38 12.15 1.83
C ASP A 43 15.68 12.12 3.18
N GLY A 44 15.67 10.96 3.82
CA GLY A 44 15.00 10.75 5.10
C GLY A 44 13.52 11.03 5.03
N ALA A 45 13.04 12.00 5.84
CA ALA A 45 11.62 12.37 5.87
C ALA A 45 11.28 13.42 4.83
N TYR A 46 12.25 13.85 4.00
CA TYR A 46 11.98 14.95 3.08
C TYR A 46 12.02 14.63 1.58
N LEU A 47 11.17 15.36 0.81
CA LEU A 47 11.16 15.45 -0.66
C LEU A 47 11.71 16.80 -1.03
N PHE A 48 12.48 16.88 -2.10
CA PHE A 48 13.02 18.14 -2.59
C PHE A 48 12.55 18.33 -4.03
N ASP A 49 11.74 19.36 -4.29
CA ASP A 49 11.26 19.57 -5.66
C ASP A 49 12.38 20.16 -6.53
N VAL A 50 12.14 20.23 -7.84
CA VAL A 50 13.09 20.72 -8.85
C VAL A 50 13.45 22.20 -8.65
N ASP A 51 12.69 22.94 -7.83
CA ASP A 51 12.98 24.34 -7.51
C ASP A 51 13.77 24.42 -6.19
N GLY A 52 14.08 23.25 -5.62
CA GLY A 52 14.84 23.11 -4.38
C GLY A 52 14.05 23.20 -3.09
N LYS A 53 12.71 23.35 -3.16
N LYS A 53 12.71 23.39 -3.15
CA LYS A 53 11.84 23.44 -1.97
CA LYS A 53 11.88 23.49 -1.94
C LYS A 53 11.76 22.09 -1.26
C LYS A 53 11.78 22.12 -1.26
N ALA A 54 11.90 22.12 0.07
CA ALA A 54 11.87 20.93 0.91
C ALA A 54 10.45 20.68 1.46
N TYR A 55 10.03 19.40 1.50
CA TYR A 55 8.71 19.05 2.02
C TYR A 55 8.80 17.88 2.95
N ILE A 56 8.08 17.94 4.09
CA ILE A 56 7.96 16.77 4.98
C ILE A 56 7.00 15.85 4.25
N ASP A 57 7.47 14.66 3.93
CA ASP A 57 6.79 13.69 3.10
C ASP A 57 5.95 12.67 3.86
N TYR A 58 4.69 12.50 3.46
CA TYR A 58 3.79 11.48 4.04
C TYR A 58 3.22 10.58 2.92
N VAL A 59 3.92 10.50 1.78
CA VAL A 59 3.55 9.64 0.65
C VAL A 59 4.50 8.41 0.68
N GLY A 60 5.77 8.62 1.06
CA GLY A 60 6.78 7.56 1.15
C GLY A 60 6.88 6.71 -0.11
N SER A 61 6.77 7.37 -1.29
CA SER A 61 6.74 6.75 -2.64
C SER A 61 5.60 5.70 -2.77
N TRP A 62 4.51 5.96 -2.04
CA TRP A 62 3.35 5.07 -1.97
C TRP A 62 3.53 3.81 -1.11
N GLY A 63 4.38 3.93 -0.09
CA GLY A 63 4.62 2.92 0.91
C GLY A 63 5.93 2.16 1.01
N PRO A 64 6.75 2.18 -0.04
CA PRO A 64 8.05 1.52 0.02
C PRO A 64 9.03 2.11 1.05
N MSE A 65 9.02 3.43 1.22
CA MSE A 65 10.03 4.08 2.04
C MSE A 65 9.74 4.05 3.55
O MSE A 65 9.60 5.09 4.18
CB MSE A 65 10.19 5.53 1.60
CG MSE A 65 10.47 5.69 0.14
SE MSE A 65 12.00 4.63 -0.39
CE MSE A 65 11.94 4.99 -2.30
N ILE A 66 9.72 2.86 4.11
CA ILE A 66 9.50 2.67 5.53
C ILE A 66 10.62 3.31 6.36
N LEU A 67 11.85 3.23 5.86
CA LEU A 67 13.04 3.73 6.55
C LEU A 67 13.33 5.15 6.19
N GLY A 68 12.40 5.76 5.45
CA GLY A 68 12.57 7.09 4.91
C GLY A 68 13.25 6.99 3.54
N HIS A 69 13.43 8.10 2.88
CA HIS A 69 14.06 8.09 1.56
C HIS A 69 15.57 7.99 1.66
N ASN A 70 16.19 7.35 0.66
CA ASN A 70 17.63 7.24 0.52
C ASN A 70 18.33 6.71 1.80
N HIS A 71 17.79 5.65 2.43
CA HIS A 71 18.41 5.08 3.63
C HIS A 71 19.82 4.56 3.27
N PRO A 72 20.88 4.85 4.09
CA PRO A 72 22.26 4.44 3.72
C PRO A 72 22.45 2.94 3.52
N ALA A 73 21.82 2.09 4.36
CA ALA A 73 21.97 0.64 4.24
C ALA A 73 21.41 0.12 2.91
N ILE A 74 20.28 0.68 2.46
CA ILE A 74 19.65 0.31 1.18
C ILE A 74 20.53 0.84 0.02
N ARG A 75 20.93 2.13 0.09
CA ARG A 75 21.76 2.74 -0.96
C ARG A 75 23.07 1.95 -1.13
N GLN A 76 23.72 1.55 -0.01
CA GLN A 76 24.98 0.79 -0.02
C GLN A 76 24.79 -0.59 -0.66
N ALA A 77 23.70 -1.31 -0.31
CA ALA A 77 23.41 -2.64 -0.86
C ALA A 77 23.21 -2.59 -2.38
N VAL A 78 22.54 -1.55 -2.89
N VAL A 78 22.53 -1.55 -2.87
CA VAL A 78 22.27 -1.41 -4.32
CA VAL A 78 22.24 -1.31 -4.28
C VAL A 78 23.53 -0.99 -5.10
C VAL A 78 23.54 -1.03 -5.04
N ILE A 79 24.35 -0.05 -4.58
CA ILE A 79 25.61 0.36 -5.23
C ILE A 79 26.55 -0.87 -5.36
N GLU A 80 26.63 -1.71 -4.30
CA GLU A 80 27.43 -2.93 -4.32
C GLU A 80 26.88 -3.96 -5.33
N ALA A 81 25.55 -4.15 -5.40
CA ALA A 81 24.92 -5.12 -6.30
C ALA A 81 25.04 -4.72 -7.77
N VAL A 82 24.97 -3.41 -8.06
CA VAL A 82 25.04 -2.84 -9.40
C VAL A 82 26.38 -3.16 -10.09
N GLU A 83 27.47 -3.30 -9.32
CA GLU A 83 28.79 -3.66 -9.82
C GLU A 83 28.83 -5.06 -10.47
N ARG A 84 27.89 -5.92 -10.07
CA ARG A 84 27.80 -7.29 -10.56
C ARG A 84 26.91 -7.47 -11.80
N GLY A 85 26.29 -6.37 -12.22
CA GLY A 85 25.35 -6.32 -13.33
C GLY A 85 23.90 -6.21 -12.86
N LEU A 86 23.09 -5.50 -13.63
CA LEU A 86 21.68 -5.21 -13.32
C LEU A 86 20.66 -6.39 -13.30
N SER A 87 20.82 -7.30 -14.25
N SER A 87 20.81 -7.31 -14.25
CA SER A 87 19.96 -8.49 -14.40
CA SER A 87 19.96 -8.50 -14.36
C SER A 87 20.73 -9.60 -15.10
C SER A 87 20.71 -9.60 -15.11
N PHE A 88 20.28 -10.86 -14.95
CA PHE A 88 20.99 -11.99 -15.55
C PHE A 88 20.12 -12.93 -16.38
N GLY A 89 18.80 -12.96 -16.14
CA GLY A 89 17.89 -13.88 -16.83
C GLY A 89 18.05 -15.32 -16.38
N ALA A 90 18.79 -15.52 -15.29
CA ALA A 90 19.09 -16.81 -14.69
C ALA A 90 18.99 -16.68 -13.18
N PRO A 91 18.76 -17.78 -12.41
CA PRO A 91 18.63 -17.63 -10.93
C PRO A 91 19.93 -17.16 -10.26
N THR A 92 19.79 -16.57 -9.07
CA THR A 92 20.89 -16.04 -8.26
C THR A 92 20.74 -16.52 -6.82
N GLU A 93 21.81 -16.39 -6.02
CA GLU A 93 21.82 -16.72 -4.58
C GLU A 93 20.87 -15.78 -3.80
N MSE A 94 20.73 -14.49 -4.24
CA MSE A 94 19.85 -13.49 -3.60
C MSE A 94 18.39 -13.95 -3.61
O MSE A 94 17.66 -13.68 -2.67
CB MSE A 94 19.99 -12.12 -4.28
CG MSE A 94 19.19 -10.99 -3.60
SE MSE A 94 19.20 -11.05 -1.62
CE MSE A 94 20.78 -10.00 -1.37
N GLU A 95 17.96 -14.68 -4.67
CA GLU A 95 16.60 -15.21 -4.76
C GLU A 95 16.33 -16.13 -3.59
N VAL A 96 17.28 -17.03 -3.30
CA VAL A 96 17.22 -18.00 -2.20
C VAL A 96 17.25 -17.27 -0.84
N LYS A 97 18.22 -16.35 -0.64
CA LYS A 97 18.40 -15.58 0.61
C LYS A 97 17.14 -14.76 0.89
N MSE A 98 16.59 -14.10 -0.14
CA MSE A 98 15.39 -13.26 -0.01
C MSE A 98 14.18 -14.13 0.35
O MSE A 98 13.43 -13.76 1.25
CB MSE A 98 15.17 -12.43 -1.29
CG MSE A 98 13.99 -11.49 -1.22
SE MSE A 98 14.22 -10.21 0.22
CE MSE A 98 12.75 -9.08 -0.23
N ALA A 99 13.99 -15.30 -0.31
CA ALA A 99 12.90 -16.23 -0.01
C ALA A 99 12.97 -16.70 1.45
N GLN A 100 14.20 -16.99 1.94
CA GLN A 100 14.46 -17.41 3.33
C GLN A 100 14.09 -16.28 4.30
N LEU A 101 14.50 -15.04 4.00
CA LEU A 101 14.21 -13.91 4.89
C LEU A 101 12.72 -13.59 4.95
N VAL A 102 12.04 -13.62 3.80
CA VAL A 102 10.62 -13.28 3.77
C VAL A 102 9.79 -14.35 4.53
N THR A 103 10.11 -15.65 4.34
CA THR A 103 9.40 -16.75 5.02
C THR A 103 9.74 -16.76 6.53
N ASP A 104 10.91 -16.22 6.91
CA ASP A 104 11.27 -16.08 8.34
C ASP A 104 10.44 -14.99 8.99
N LEU A 105 10.34 -13.83 8.35
CA LEU A 105 9.56 -12.69 8.83
C LEU A 105 8.04 -12.89 8.82
N VAL A 106 7.53 -13.53 7.79
CA VAL A 106 6.10 -13.80 7.67
C VAL A 106 5.95 -15.32 7.71
N PRO A 107 5.74 -15.82 8.91
CA PRO A 107 5.74 -17.26 9.20
C PRO A 107 4.63 -18.05 8.52
N THR A 108 3.54 -17.40 8.16
CA THR A 108 2.41 -18.09 7.52
C THR A 108 2.84 -18.55 6.11
N MSE A 109 3.96 -18.04 5.60
CA MSE A 109 4.38 -18.43 4.26
C MSE A 109 5.44 -19.50 4.34
O MSE A 109 6.57 -19.21 4.71
CB MSE A 109 4.91 -17.22 3.46
CG MSE A 109 3.92 -16.10 3.29
SE MSE A 109 4.73 -14.58 2.32
CE MSE A 109 6.49 -15.24 2.13
N ASP A 110 5.05 -20.74 4.00
CA ASP A 110 5.91 -21.92 3.93
C ASP A 110 6.77 -21.86 2.68
N MSE A 111 6.16 -21.39 1.58
CA MSE A 111 6.83 -21.25 0.29
C MSE A 111 6.51 -19.90 -0.31
O MSE A 111 5.49 -19.31 0.05
CB MSE A 111 6.42 -22.37 -0.66
CG MSE A 111 6.76 -23.77 -0.14
SE MSE A 111 6.46 -25.05 -1.57
CE MSE A 111 8.27 -25.15 -2.23
N VAL A 112 7.38 -19.40 -1.20
CA VAL A 112 7.17 -18.07 -1.78
C VAL A 112 7.76 -17.99 -3.20
N ARG A 113 7.18 -17.11 -4.00
CA ARG A 113 7.67 -16.80 -5.32
C ARG A 113 7.78 -15.31 -5.45
N MSE A 114 8.92 -14.83 -5.98
CA MSE A 114 9.15 -13.41 -6.22
C MSE A 114 8.74 -13.10 -7.62
O MSE A 114 9.07 -13.84 -8.56
CB MSE A 114 10.61 -13.02 -5.99
CG MSE A 114 11.18 -13.51 -4.71
SE MSE A 114 10.80 -12.41 -3.20
CE MSE A 114 10.74 -13.79 -1.97
N VAL A 115 8.08 -11.96 -7.80
CA VAL A 115 7.61 -11.46 -9.09
C VAL A 115 8.07 -10.01 -9.25
N ASN A 116 7.80 -9.40 -10.40
CA ASN A 116 8.27 -8.04 -10.70
C ASN A 116 7.49 -6.92 -9.99
N SER A 117 6.23 -7.14 -9.57
CA SER A 117 5.44 -6.08 -8.91
C SER A 117 4.35 -6.65 -7.99
N GLY A 118 3.76 -5.77 -7.20
CA GLY A 118 2.65 -6.11 -6.31
C GLY A 118 1.44 -6.61 -7.08
N THR A 119 1.18 -6.01 -8.25
CA THR A 119 0.08 -6.37 -9.16
C THR A 119 0.26 -7.80 -9.68
N GLU A 120 1.48 -8.18 -10.07
CA GLU A 120 1.76 -9.53 -10.53
C GLU A 120 1.54 -10.52 -9.40
N ALA A 121 1.89 -10.14 -8.15
CA ALA A 121 1.71 -11.04 -7.00
C ALA A 121 0.24 -11.32 -6.74
N THR A 122 -0.63 -10.29 -6.74
CA THR A 122 -2.06 -10.49 -6.46
C THR A 122 -2.69 -11.31 -7.57
N MSE A 123 -2.36 -11.00 -8.86
CA MSE A 123 -2.88 -11.73 -10.02
C MSE A 123 -2.42 -13.18 -9.98
O MSE A 123 -3.24 -14.06 -10.23
CB MSE A 123 -2.44 -11.06 -11.33
CG MSE A 123 -3.17 -9.75 -11.61
SE MSE A 123 -5.04 -9.68 -10.99
CE MSE A 123 -5.87 -11.06 -12.13
N SER A 124 -1.17 -13.42 -9.63
CA SER A 124 -0.64 -14.77 -9.52
C SER A 124 -1.30 -15.55 -8.38
N ALA A 125 -1.59 -14.87 -7.24
CA ALA A 125 -2.24 -15.53 -6.10
C ALA A 125 -3.68 -15.90 -6.46
N ILE A 126 -4.39 -15.02 -7.18
CA ILE A 126 -5.77 -15.23 -7.65
C ILE A 126 -5.78 -16.41 -8.63
N ARG A 127 -4.85 -16.43 -9.60
CA ARG A 127 -4.74 -17.55 -10.56
C ARG A 127 -4.48 -18.87 -9.81
N LEU A 128 -3.56 -18.87 -8.81
CA LEU A 128 -3.27 -20.07 -8.02
C LEU A 128 -4.53 -20.57 -7.28
N ALA A 129 -5.28 -19.69 -6.63
CA ALA A 129 -6.50 -20.07 -5.91
C ALA A 129 -7.53 -20.74 -6.86
N ARG A 130 -7.73 -20.16 -8.05
CA ARG A 130 -8.63 -20.70 -9.09
C ARG A 130 -8.17 -22.09 -9.54
N GLY A 131 -6.86 -22.25 -9.78
CA GLY A 131 -6.29 -23.52 -10.21
C GLY A 131 -6.33 -24.58 -9.12
N TYR A 132 -5.99 -24.19 -7.88
CA TYR A 132 -5.97 -25.11 -6.74
C TYR A 132 -7.38 -25.63 -6.40
N THR A 133 -8.39 -24.74 -6.38
CA THR A 133 -9.76 -25.13 -6.01
C THR A 133 -10.57 -25.64 -7.20
N GLY A 134 -10.20 -25.24 -8.41
CA GLY A 134 -10.94 -25.58 -9.63
C GLY A 134 -12.20 -24.74 -9.79
N ARG A 135 -12.30 -23.65 -9.02
CA ARG A 135 -13.47 -22.77 -9.05
C ARG A 135 -13.11 -21.49 -9.77
N ASP A 136 -14.12 -20.78 -10.30
CA ASP A 136 -13.91 -19.58 -11.11
C ASP A 136 -14.17 -18.26 -10.41
N LYS A 137 -15.09 -18.21 -9.45
CA LYS A 137 -15.44 -16.92 -8.87
C LYS A 137 -14.48 -16.48 -7.76
N ILE A 138 -14.33 -15.15 -7.65
CA ILE A 138 -13.53 -14.52 -6.61
C ILE A 138 -14.39 -13.46 -5.90
N ILE A 139 -14.13 -13.26 -4.61
CA ILE A 139 -14.78 -12.19 -3.86
C ILE A 139 -13.72 -11.11 -3.64
N LYS A 140 -14.08 -9.86 -3.95
CA LYS A 140 -13.25 -8.67 -3.73
C LYS A 140 -14.13 -7.62 -3.05
N PHE A 141 -13.54 -6.56 -2.48
CA PHE A 141 -14.30 -5.51 -1.77
C PHE A 141 -14.27 -4.18 -2.53
N GLU A 142 -15.37 -3.43 -2.48
CA GLU A 142 -15.53 -2.15 -3.15
C GLU A 142 -14.63 -1.10 -2.52
N GLY A 143 -13.89 -0.39 -3.36
CA GLY A 143 -12.93 0.63 -2.93
C GLY A 143 -11.54 0.03 -2.76
N CYS A 144 -11.44 -1.30 -2.94
CA CYS A 144 -10.20 -2.04 -2.80
C CYS A 144 -9.62 -2.43 -4.16
N TYR A 145 -8.41 -1.91 -4.43
CA TYR A 145 -7.67 -2.11 -5.68
C TYR A 145 -6.51 -3.07 -5.44
N HIS A 146 -6.38 -4.07 -6.32
CA HIS A 146 -5.34 -5.09 -6.22
C HIS A 146 -4.42 -5.12 -7.46
N GLY A 147 -4.76 -4.33 -8.48
CA GLY A 147 -4.02 -4.23 -9.72
C GLY A 147 -4.81 -4.63 -10.94
N PRO A 166 -20.55 4.64 -15.71
CA PRO A 166 -19.80 3.85 -14.75
C PRO A 166 -18.67 3.04 -15.37
N ASN A 167 -19.06 2.09 -16.25
CA ASN A 167 -18.15 1.19 -16.94
C ASN A 167 -17.09 1.89 -17.78
N SER A 168 -15.83 1.56 -17.51
CA SER A 168 -14.68 2.14 -18.18
C SER A 168 -14.42 1.63 -19.59
N PRO A 169 -14.12 2.54 -20.56
CA PRO A 169 -13.83 2.08 -21.93
C PRO A 169 -12.43 1.47 -22.06
N GLY A 170 -12.35 0.39 -22.84
CA GLY A 170 -11.10 -0.32 -23.09
C GLY A 170 -11.07 -1.76 -22.62
N VAL A 171 -12.01 -2.13 -21.73
CA VAL A 171 -12.11 -3.49 -21.19
C VAL A 171 -13.50 -4.10 -21.59
N PRO A 172 -13.54 -5.31 -22.19
CA PRO A 172 -14.83 -5.90 -22.58
C PRO A 172 -15.67 -6.29 -21.36
N THR A 173 -16.98 -6.06 -21.45
CA THR A 173 -18.00 -6.31 -20.43
C THR A 173 -17.94 -7.64 -19.68
N ASP A 174 -17.56 -8.70 -20.39
CA ASP A 174 -17.44 -10.04 -19.84
C ASP A 174 -16.20 -10.29 -19.00
N PHE A 175 -15.33 -9.28 -18.87
CA PHE A 175 -14.09 -9.36 -18.10
C PHE A 175 -14.28 -9.49 -16.60
N ALA A 176 -15.33 -8.83 -16.06
CA ALA A 176 -15.69 -8.83 -14.64
C ALA A 176 -16.86 -9.82 -14.31
N LYS A 177 -17.09 -10.82 -15.19
CA LYS A 177 -18.16 -11.83 -15.04
C LYS A 177 -17.96 -12.76 -13.82
N HIS A 178 -16.72 -13.12 -13.48
CA HIS A 178 -16.46 -14.03 -12.36
C HIS A 178 -15.97 -13.29 -11.08
N THR A 179 -16.20 -11.97 -11.01
CA THR A 179 -15.82 -11.22 -9.83
C THR A 179 -17.07 -10.79 -9.06
N LEU A 180 -17.14 -11.16 -7.77
CA LEU A 180 -18.22 -10.81 -6.85
C LEU A 180 -17.73 -9.69 -5.92
N THR A 181 -18.33 -8.49 -6.02
CA THR A 181 -17.92 -7.36 -5.20
C THR A 181 -18.80 -7.29 -3.96
N CYS A 182 -18.16 -7.30 -2.78
CA CYS A 182 -18.81 -7.23 -1.48
C CYS A 182 -18.44 -5.92 -0.78
N THR A 183 -19.01 -5.67 0.38
CA THR A 183 -18.80 -4.41 1.10
C THR A 183 -17.75 -4.60 2.18
N TYR A 184 -16.69 -3.76 2.16
CA TYR A 184 -15.63 -3.85 3.16
C TYR A 184 -16.22 -3.63 4.54
N ASN A 185 -15.80 -4.45 5.52
CA ASN A 185 -16.26 -4.44 6.92
C ASN A 185 -17.73 -4.91 7.10
N ASP A 186 -18.31 -5.56 6.07
CA ASP A 186 -19.69 -6.07 6.13
C ASP A 186 -19.71 -7.61 5.84
N LEU A 187 -19.66 -8.42 6.91
CA LEU A 187 -19.66 -9.88 6.79
C LEU A 187 -20.95 -10.44 6.15
N ALA A 188 -22.11 -9.76 6.31
CA ALA A 188 -23.38 -10.21 5.74
C ALA A 188 -23.33 -10.27 4.21
N SER A 189 -22.77 -9.23 3.54
CA SER A 189 -22.63 -9.18 2.08
C SER A 189 -21.74 -10.31 1.58
N VAL A 190 -20.72 -10.70 2.38
CA VAL A 190 -19.81 -11.78 2.01
C VAL A 190 -20.57 -13.11 2.11
N ARG A 191 -21.34 -13.34 3.20
CA ARG A 191 -22.12 -14.57 3.37
C ARG A 191 -23.13 -14.72 2.22
N GLN A 192 -23.79 -13.61 1.85
CA GLN A 192 -24.77 -13.57 0.76
C GLN A 192 -24.15 -14.03 -0.56
N ALA A 193 -22.92 -13.55 -0.89
CA ALA A 193 -22.21 -13.94 -2.12
C ALA A 193 -21.91 -15.44 -2.11
N PHE A 194 -21.44 -15.97 -0.96
CA PHE A 194 -21.16 -17.39 -0.79
C PHE A 194 -22.43 -18.25 -0.90
N GLU A 195 -23.54 -17.79 -0.33
CA GLU A 195 -24.81 -18.50 -0.35
C GLU A 195 -25.40 -18.56 -1.79
N GLN A 196 -25.16 -17.53 -2.58
CA GLN A 196 -25.47 -17.52 -4.00
C GLN A 196 -24.61 -18.52 -4.79
N TYR A 197 -23.33 -18.63 -4.44
CA TYR A 197 -22.40 -19.53 -5.14
C TYR A 197 -21.59 -20.40 -4.17
N PRO A 198 -22.23 -21.41 -3.60
CA PRO A 198 -21.64 -22.26 -2.55
C PRO A 198 -20.40 -23.06 -2.96
N GLN A 199 -20.35 -23.56 -4.19
CA GLN A 199 -19.24 -24.39 -4.66
C GLN A 199 -18.45 -23.69 -5.79
N GLU A 200 -18.65 -22.39 -5.99
CA GLU A 200 -18.01 -21.67 -7.11
C GLU A 200 -16.97 -20.59 -6.71
N VAL A 201 -16.80 -20.25 -5.42
CA VAL A 201 -15.87 -19.19 -5.00
C VAL A 201 -14.52 -19.80 -4.73
N ALA A 202 -13.53 -19.45 -5.55
CA ALA A 202 -12.16 -19.93 -5.38
C ALA A 202 -11.50 -19.25 -4.19
N CYS A 203 -11.77 -17.93 -4.00
CA CYS A 203 -11.10 -17.16 -2.96
C CYS A 203 -11.77 -15.84 -2.65
N ILE A 204 -11.34 -15.29 -1.50
CA ILE A 204 -11.58 -13.94 -1.06
C ILE A 204 -10.23 -13.30 -1.10
N ILE A 205 -10.10 -12.14 -1.74
CA ILE A 205 -8.87 -11.36 -1.72
C ILE A 205 -9.21 -10.12 -0.91
N VAL A 206 -8.43 -9.84 0.13
CA VAL A 206 -8.77 -8.70 0.97
C VAL A 206 -7.52 -7.96 1.42
N GLU A 207 -7.57 -6.60 1.41
CA GLU A 207 -6.54 -5.75 2.01
C GLU A 207 -6.86 -5.74 3.50
N PRO A 208 -5.98 -6.27 4.39
CA PRO A 208 -6.32 -6.38 5.81
C PRO A 208 -6.58 -5.04 6.48
N VAL A 209 -6.03 -3.97 5.90
CA VAL A 209 -6.30 -2.56 6.18
C VAL A 209 -6.50 -1.97 4.82
N ALA A 210 -7.70 -1.43 4.52
CA ALA A 210 -7.92 -0.82 3.21
C ALA A 210 -7.03 0.41 3.05
N GLY A 211 -6.38 0.54 1.90
CA GLY A 211 -5.49 1.67 1.64
C GLY A 211 -5.81 2.42 0.36
N ASN A 212 -6.66 1.83 -0.52
CA ASN A 212 -6.97 2.44 -1.81
C ASN A 212 -8.32 3.19 -1.83
N MSE A 213 -8.98 3.26 -0.68
CA MSE A 213 -10.12 4.13 -0.48
C MSE A 213 -9.77 4.98 0.72
O MSE A 213 -10.62 5.33 1.52
CB MSE A 213 -11.42 3.35 -0.26
CG MSE A 213 -11.34 2.25 0.77
SE MSE A 213 -13.09 1.55 1.20
CE MSE A 213 -12.59 -0.29 1.57
N ASN A 214 -8.48 5.25 0.86
CA ASN A 214 -7.93 5.91 2.03
C ASN A 214 -7.74 4.82 3.07
N CYS A 215 -7.37 5.19 4.29
CA CYS A 215 -7.06 4.18 5.30
C CYS A 215 -8.27 3.76 6.12
N ILE A 216 -8.64 2.48 5.97
CA ILE A 216 -9.81 1.93 6.66
C ILE A 216 -9.40 0.64 7.37
N PRO A 217 -9.14 0.72 8.69
CA PRO A 217 -8.80 -0.49 9.45
C PRO A 217 -10.01 -1.46 9.49
N PRO A 218 -9.79 -2.77 9.66
CA PRO A 218 -10.94 -3.68 9.74
C PRO A 218 -11.65 -3.59 11.08
N LEU A 219 -12.95 -3.93 11.10
CA LEU A 219 -13.65 -4.06 12.38
C LEU A 219 -13.11 -5.34 13.05
N PRO A 220 -13.08 -5.43 14.39
CA PRO A 220 -12.52 -6.63 15.05
C PRO A 220 -13.06 -7.98 14.55
N GLU A 221 -14.34 -8.02 14.19
CA GLU A 221 -15.01 -9.21 13.70
C GLU A 221 -14.67 -9.56 12.25
N PHE A 222 -14.30 -8.57 11.43
CA PHE A 222 -14.19 -8.69 9.98
C PHE A 222 -13.18 -9.74 9.45
N LEU A 223 -11.87 -9.62 9.71
CA LEU A 223 -10.90 -10.57 9.16
C LEU A 223 -11.08 -11.99 9.73
N PRO A 224 -11.36 -12.21 11.06
CA PRO A 224 -11.66 -13.58 11.52
C PRO A 224 -12.94 -14.14 10.88
N GLY A 225 -13.91 -13.27 10.59
CA GLY A 225 -15.18 -13.64 9.96
C GLY A 225 -14.98 -14.10 8.52
N LEU A 226 -14.01 -13.48 7.80
CA LEU A 226 -13.65 -13.89 6.42
C LEU A 226 -12.96 -15.24 6.45
N ARG A 227 -12.08 -15.47 7.44
CA ARG A 227 -11.41 -16.75 7.61
C ARG A 227 -12.47 -17.86 7.86
N ALA A 228 -13.45 -17.61 8.71
CA ALA A 228 -14.48 -18.61 9.01
C ALA A 228 -15.38 -18.89 7.79
N LEU A 229 -15.71 -17.88 6.98
CA LEU A 229 -16.53 -18.09 5.76
C LEU A 229 -15.79 -18.88 4.69
N CYS A 230 -14.47 -18.61 4.49
CA CYS A 230 -13.66 -19.36 3.55
C CYS A 230 -13.64 -20.84 3.96
N ASP A 231 -13.46 -21.10 5.26
CA ASP A 231 -13.42 -22.45 5.83
C ASP A 231 -14.73 -23.18 5.62
N GLU A 232 -15.85 -22.49 5.81
CA GLU A 232 -17.19 -23.03 5.66
C GLU A 232 -17.48 -23.46 4.20
N PHE A 233 -17.10 -22.61 3.22
CA PHE A 233 -17.44 -22.81 1.82
C PHE A 233 -16.29 -23.34 0.92
N GLY A 234 -15.17 -23.72 1.51
CA GLY A 234 -14.05 -24.31 0.78
C GLY A 234 -13.26 -23.36 -0.09
N ALA A 235 -13.33 -22.05 0.19
CA ALA A 235 -12.56 -21.05 -0.54
C ALA A 235 -11.21 -20.78 0.15
N LEU A 236 -10.24 -20.20 -0.59
CA LEU A 236 -8.97 -19.82 -0.01
C LEU A 236 -9.02 -18.36 0.42
N LEU A 237 -8.37 -18.03 1.54
CA LEU A 237 -8.33 -16.64 1.97
C LEU A 237 -7.00 -16.04 1.52
N ILE A 238 -7.05 -15.05 0.64
CA ILE A 238 -5.85 -14.36 0.15
C ILE A 238 -5.76 -13.01 0.87
N ILE A 239 -4.68 -12.77 1.59
CA ILE A 239 -4.54 -11.48 2.27
C ILE A 239 -3.52 -10.65 1.46
N ASP A 240 -4.00 -9.55 0.87
CA ASP A 240 -3.19 -8.65 0.05
C ASP A 240 -2.45 -7.68 0.97
N GLU A 241 -1.19 -7.98 1.27
CA GLU A 241 -0.35 -7.13 2.13
C GLU A 241 0.69 -6.34 1.31
N VAL A 242 0.36 -6.01 0.04
CA VAL A 242 1.31 -5.24 -0.78
C VAL A 242 1.61 -3.89 -0.06
N MSE A 243 0.57 -3.23 0.49
CA MSE A 243 0.71 -1.97 1.22
C MSE A 243 0.91 -2.18 2.75
O MSE A 243 1.71 -1.46 3.37
CB MSE A 243 -0.52 -1.08 0.97
CG MSE A 243 -0.33 0.34 1.44
SE MSE A 243 -1.77 1.48 0.84
CE MSE A 243 -1.22 1.71 -0.96
N THR A 244 0.14 -3.10 3.37
CA THR A 244 0.20 -3.31 4.82
C THR A 244 1.42 -4.12 5.28
N GLY A 245 1.98 -4.94 4.38
CA GLY A 245 3.13 -5.77 4.70
C GLY A 245 4.30 -4.94 5.14
N PHE A 246 4.82 -5.24 6.32
CA PHE A 246 5.98 -4.59 6.88
C PHE A 246 5.71 -3.14 7.28
N ARG A 247 4.45 -2.71 7.15
CA ARG A 247 4.06 -1.37 7.54
C ARG A 247 3.18 -1.35 8.80
N VAL A 248 2.15 -2.18 8.80
CA VAL A 248 1.32 -2.35 9.98
C VAL A 248 2.07 -3.04 11.11
N ALA A 249 2.81 -4.09 10.76
CA ALA A 249 3.60 -4.88 11.70
C ALA A 249 4.68 -5.67 10.94
N LEU A 250 5.70 -6.17 11.64
CA LEU A 250 6.77 -6.92 10.98
C LEU A 250 6.21 -8.14 10.25
N ALA A 251 5.33 -8.91 10.93
CA ALA A 251 4.76 -10.11 10.34
C ALA A 251 3.44 -9.84 9.59
N GLY A 252 3.19 -8.57 9.31
CA GLY A 252 2.04 -8.10 8.54
C GLY A 252 0.81 -7.77 9.35
N ALA A 253 -0.20 -7.17 8.68
CA ALA A 253 -1.48 -6.85 9.33
C ALA A 253 -2.20 -8.15 9.74
N GLN A 254 -1.93 -9.27 9.03
CA GLN A 254 -2.51 -10.58 9.39
C GLN A 254 -2.06 -11.00 10.81
N ASP A 255 -0.79 -10.67 11.18
CA ASP A 255 -0.26 -10.96 12.52
C ASP A 255 -0.92 -10.04 13.55
N TYR A 256 -1.01 -8.75 13.21
CA TYR A 256 -1.59 -7.71 14.05
C TYR A 256 -3.06 -8.01 14.41
N TYR A 257 -3.84 -8.51 13.43
CA TYR A 257 -5.27 -8.82 13.57
C TYR A 257 -5.52 -10.31 13.83
N HIS A 258 -4.44 -11.08 14.04
CA HIS A 258 -4.44 -12.48 14.43
C HIS A 258 -5.27 -13.38 13.47
N VAL A 259 -5.06 -13.23 12.15
CA VAL A 259 -5.75 -14.05 11.15
C VAL A 259 -4.71 -14.82 10.32
N ILE A 260 -4.94 -16.12 10.07
CA ILE A 260 -4.01 -16.93 9.27
C ILE A 260 -4.60 -17.16 7.85
N PRO A 261 -3.99 -16.59 6.78
CA PRO A 261 -4.53 -16.81 5.44
C PRO A 261 -3.97 -18.06 4.78
N ASP A 262 -4.50 -18.42 3.60
CA ASP A 262 -3.97 -19.52 2.77
C ASP A 262 -2.81 -18.97 1.90
N LEU A 263 -2.94 -17.72 1.45
CA LEU A 263 -1.94 -17.01 0.63
C LEU A 263 -1.82 -15.56 1.06
N THR A 264 -0.60 -15.01 0.95
CA THR A 264 -0.26 -13.62 1.24
C THR A 264 0.42 -13.02 0.03
N CYS A 265 0.09 -11.77 -0.31
CA CYS A 265 0.75 -11.01 -1.39
C CYS A 265 1.54 -9.90 -0.76
N LEU A 266 2.75 -9.69 -1.25
CA LEU A 266 3.67 -8.68 -0.74
C LEU A 266 4.24 -7.82 -1.88
N GLY A 267 4.66 -6.61 -1.54
CA GLY A 267 5.20 -5.67 -2.49
C GLY A 267 5.76 -4.45 -1.79
N LYS A 268 6.15 -3.44 -2.56
CA LYS A 268 6.57 -2.19 -1.97
C LYS A 268 7.81 -2.33 -1.08
N ILE A 269 7.61 -2.37 0.22
CA ILE A 269 8.71 -2.37 1.17
C ILE A 269 9.68 -3.51 0.85
N ILE A 270 9.19 -4.65 0.39
CA ILE A 270 10.07 -5.77 0.05
C ILE A 270 11.04 -5.46 -1.10
N GLY A 271 10.86 -4.34 -1.78
CA GLY A 271 11.74 -3.90 -2.86
C GLY A 271 12.67 -2.76 -2.47
N GLY A 272 12.52 -2.27 -1.24
CA GLY A 272 13.32 -1.18 -0.69
C GLY A 272 13.32 0.12 -1.48
N GLY A 273 12.28 0.32 -2.29
CA GLY A 273 12.14 1.50 -3.14
C GLY A 273 12.06 1.19 -4.62
N MSE A 274 12.46 -0.01 -5.04
CA MSE A 274 12.35 -0.42 -6.44
C MSE A 274 11.26 -1.48 -6.56
O MSE A 274 10.99 -2.16 -5.58
CB MSE A 274 13.70 -0.93 -6.96
CG MSE A 274 14.65 0.23 -7.31
SE MSE A 274 16.39 -0.44 -7.68
CE MSE A 274 16.82 -1.09 -6.08
N PRO A 275 10.55 -1.60 -7.71
CA PRO A 275 9.43 -2.56 -7.80
C PRO A 275 9.82 -4.03 -7.63
N VAL A 276 9.11 -4.70 -6.71
CA VAL A 276 9.25 -6.12 -6.34
C VAL A 276 7.88 -6.57 -5.84
N GLY A 277 7.57 -7.82 -6.11
CA GLY A 277 6.35 -8.45 -5.63
C GLY A 277 6.68 -9.84 -5.16
N ALA A 278 5.80 -10.39 -4.35
CA ALA A 278 5.96 -11.76 -3.88
C ALA A 278 4.63 -12.30 -3.44
N PHE A 279 4.42 -13.59 -3.67
CA PHE A 279 3.23 -14.24 -3.17
C PHE A 279 3.63 -15.58 -2.62
N GLY A 280 3.00 -15.93 -1.50
CA GLY A 280 3.35 -17.11 -0.74
C GLY A 280 2.21 -17.57 0.14
N GLY A 281 2.36 -18.76 0.73
CA GLY A 281 1.30 -19.34 1.54
C GLY A 281 1.56 -20.77 1.97
N ARG A 282 0.47 -21.50 2.17
CA ARG A 282 0.55 -22.89 2.61
C ARG A 282 1.32 -23.73 1.61
N ARG A 283 2.16 -24.61 2.13
CA ARG A 283 3.02 -25.47 1.31
C ARG A 283 2.21 -26.24 0.23
N GLU A 284 1.07 -26.84 0.60
CA GLU A 284 0.32 -27.65 -0.35
C GLU A 284 -0.38 -26.82 -1.44
N VAL A 285 -0.66 -25.53 -1.16
CA VAL A 285 -1.28 -24.65 -2.15
C VAL A 285 -0.20 -24.25 -3.16
N MSE A 286 0.96 -23.81 -2.64
CA MSE A 286 2.09 -23.37 -3.46
C MSE A 286 2.65 -24.52 -4.32
O MSE A 286 3.11 -24.27 -5.45
CB MSE A 286 3.20 -22.78 -2.57
CG MSE A 286 2.79 -21.46 -1.86
SE MSE A 286 2.44 -20.02 -3.16
CE MSE A 286 4.34 -19.68 -3.75
N ASN A 287 2.57 -25.79 -3.84
CA ASN A 287 3.04 -26.97 -4.58
C ASN A 287 2.27 -27.21 -5.88
N ALA A 288 1.06 -26.58 -6.02
CA ALA A 288 0.22 -26.68 -7.22
C ALA A 288 0.76 -25.84 -8.37
N LEU A 289 1.76 -24.98 -8.10
CA LEU A 289 2.41 -24.18 -9.15
C LEU A 289 3.39 -25.06 -9.95
N ALA A 290 3.54 -24.77 -11.25
CA ALA A 290 4.47 -25.46 -12.14
C ALA A 290 5.92 -25.08 -11.79
N PRO A 291 6.93 -25.96 -11.93
CA PRO A 291 6.91 -27.33 -12.50
C PRO A 291 6.38 -28.44 -11.58
N THR A 292 6.25 -28.16 -10.26
CA THR A 292 5.79 -29.15 -9.28
C THR A 292 4.32 -29.57 -9.55
N GLY A 293 3.45 -28.60 -9.87
CA GLY A 293 2.03 -28.82 -10.12
C GLY A 293 1.50 -28.30 -11.45
N PRO A 294 0.18 -28.28 -11.67
CA PRO A 294 -0.35 -27.88 -12.99
C PRO A 294 -0.62 -26.38 -13.24
N VAL A 295 -0.58 -25.52 -12.21
CA VAL A 295 -0.90 -24.09 -12.37
C VAL A 295 0.33 -23.29 -12.86
N TYR A 296 0.16 -22.57 -13.99
CA TYR A 296 1.21 -21.74 -14.63
C TYR A 296 0.92 -20.26 -14.41
N GLN A 297 1.97 -19.47 -14.14
CA GLN A 297 1.83 -18.01 -13.93
C GLN A 297 2.36 -17.23 -15.13
N THR A 300 4.30 -13.39 -16.45
CA THR A 300 4.92 -12.66 -15.35
C THR A 300 6.47 -12.70 -15.41
N LEU A 301 7.12 -11.73 -14.73
CA LEU A 301 8.58 -11.62 -14.65
C LEU A 301 9.07 -11.82 -13.21
N SER A 302 10.25 -12.42 -13.04
CA SER A 302 10.90 -12.68 -11.76
C SER A 302 11.44 -11.37 -11.12
N GLY A 303 11.83 -11.43 -9.86
CA GLY A 303 12.36 -10.28 -9.14
C GLY A 303 13.71 -9.81 -9.66
N ASN A 304 13.85 -8.49 -9.90
CA ASN A 304 15.12 -7.94 -10.40
C ASN A 304 16.20 -8.03 -9.28
N PRO A 305 17.47 -8.40 -9.59
CA PRO A 305 18.49 -8.55 -8.54
C PRO A 305 18.81 -7.29 -7.74
N ILE A 306 18.79 -6.10 -8.38
CA ILE A 306 19.08 -4.83 -7.72
C ILE A 306 17.94 -4.54 -6.72
N ALA A 307 16.69 -4.71 -7.19
CA ALA A 307 15.50 -4.52 -6.37
C ALA A 307 15.49 -5.51 -5.20
N MSE A 308 15.92 -6.76 -5.42
CA MSE A 308 15.98 -7.75 -4.33
C MSE A 308 17.10 -7.45 -3.35
O MSE A 308 16.91 -7.71 -2.16
CB MSE A 308 16.05 -9.16 -4.84
CG MSE A 308 14.70 -9.65 -5.32
SE MSE A 308 14.75 -11.50 -5.60
CE MSE A 308 16.11 -11.56 -7.01
N ALA A 309 18.23 -6.86 -3.80
CA ALA A 309 19.31 -6.41 -2.91
C ALA A 309 18.81 -5.24 -2.03
N ALA A 310 18.01 -4.33 -2.64
CA ALA A 310 17.42 -3.18 -1.92
C ALA A 310 16.47 -3.67 -0.86
N GLY A 311 15.60 -4.59 -1.24
CA GLY A 311 14.62 -5.18 -0.34
C GLY A 311 15.26 -5.99 0.78
N PHE A 312 16.30 -6.78 0.43
CA PHE A 312 16.98 -7.58 1.44
C PHE A 312 17.53 -6.69 2.56
N ALA A 313 18.22 -5.59 2.19
CA ALA A 313 18.81 -4.65 3.14
C ALA A 313 17.72 -3.97 3.99
N CYS A 314 16.60 -3.58 3.35
CA CYS A 314 15.45 -2.93 4.00
C CYS A 314 14.84 -3.84 5.06
N LEU A 315 14.52 -5.10 4.69
CA LEU A 315 13.95 -6.10 5.58
C LEU A 315 14.90 -6.45 6.73
N THR A 316 16.24 -6.44 6.49
CA THR A 316 17.22 -6.73 7.56
C THR A 316 17.14 -5.62 8.63
N GLU A 317 17.05 -4.36 8.18
CA GLU A 317 16.99 -3.20 9.04
C GLU A 317 15.71 -3.10 9.85
N ILE A 318 14.55 -3.37 9.24
CA ILE A 318 13.29 -3.20 9.98
C ILE A 318 12.97 -4.40 10.89
N SER A 319 13.74 -5.49 10.78
CA SER A 319 13.46 -6.64 11.66
C SER A 319 14.21 -6.51 12.99
N GLN A 320 14.92 -5.39 13.20
CA GLN A 320 15.66 -5.12 14.46
C GLN A 320 14.69 -4.75 15.59
N VAL A 321 15.11 -4.95 16.88
CA VAL A 321 14.23 -4.66 18.04
C VAL A 321 13.87 -3.18 18.12
N GLY A 322 12.60 -2.91 18.47
CA GLY A 322 12.09 -1.56 18.68
C GLY A 322 11.61 -0.78 17.47
N VAL A 323 11.73 -1.35 16.27
CA VAL A 323 11.36 -0.62 15.06
C VAL A 323 9.85 -0.31 14.99
N TYR A 324 9.01 -1.31 15.11
CA TYR A 324 7.57 -1.09 15.02
C TYR A 324 6.98 -0.25 16.16
N GLU A 325 7.60 -0.36 17.33
CA GLU A 325 7.22 0.41 18.51
C GLU A 325 7.43 1.88 18.21
N THR A 326 8.59 2.22 17.60
CA THR A 326 8.95 3.60 17.20
C THR A 326 8.00 4.09 16.10
N LEU A 327 7.80 3.29 15.06
CA LEU A 327 6.93 3.65 13.93
C LEU A 327 5.50 3.99 14.38
N THR A 328 4.92 3.12 15.24
CA THR A 328 3.56 3.27 15.80
C THR A 328 3.49 4.52 16.65
N GLU A 329 4.49 4.76 17.52
CA GLU A 329 4.55 5.93 18.40
C GLU A 329 4.57 7.23 17.57
N LEU A 330 5.35 7.27 16.47
CA LEU A 330 5.38 8.44 15.58
C LEU A 330 4.01 8.67 14.95
N THR A 331 3.40 7.60 14.39
CA THR A 331 2.10 7.70 13.73
C THR A 331 1.00 8.11 14.73
N ASP A 332 0.99 7.51 15.93
CA ASP A 332 0.02 7.83 16.98
C ASP A 332 0.13 9.30 17.39
N SER A 333 1.36 9.83 17.54
CA SER A 333 1.59 11.24 17.94
C SER A 333 1.08 12.19 16.85
N LEU A 334 1.26 11.82 15.55
CA LEU A 334 0.71 12.64 14.47
C LEU A 334 -0.81 12.63 14.52
N ALA A 335 -1.42 11.43 14.66
CA ALA A 335 -2.89 11.30 14.71
C ALA A 335 -3.48 12.13 15.86
N THR A 336 -2.87 12.02 17.06
CA THR A 336 -3.30 12.76 18.25
C THR A 336 -3.22 14.29 18.01
N GLY A 337 -2.10 14.76 17.49
CA GLY A 337 -1.92 16.17 17.22
C GLY A 337 -2.89 16.73 16.22
N LEU A 338 -3.16 15.97 15.15
CA LEU A 338 -4.08 16.40 14.08
C LEU A 338 -5.51 16.52 14.58
N ARG A 339 -5.95 15.54 15.38
CA ARG A 339 -7.27 15.52 16.01
C ARG A 339 -7.45 16.72 16.91
N HIS A 340 -6.46 16.98 17.77
CA HIS A 340 -6.47 18.11 18.69
C HIS A 340 -6.49 19.46 17.92
N ALA A 341 -5.65 19.59 16.87
CA ALA A 341 -5.61 20.80 16.03
C ALA A 341 -6.97 21.05 15.37
N ALA A 342 -7.59 20.02 14.73
CA ALA A 342 -8.89 20.15 14.07
C ALA A 342 -10.01 20.60 15.05
N LYS A 343 -10.04 19.99 16.25
CA LYS A 343 -11.01 20.30 17.31
C LYS A 343 -10.89 21.77 17.73
N GLU A 344 -9.65 22.27 17.99
CA GLU A 344 -9.34 23.66 18.37
C GLU A 344 -9.82 24.63 17.31
N GLU A 345 -9.79 24.21 16.05
CA GLU A 345 -10.14 25.07 14.93
C GLU A 345 -11.54 24.80 14.43
N ASN A 346 -12.33 23.97 15.15
CA ASN A 346 -13.71 23.65 14.78
C ASN A 346 -13.83 23.09 13.37
N ILE A 347 -12.95 22.13 13.04
CA ILE A 347 -12.98 21.45 11.75
C ILE A 347 -13.30 19.97 12.00
N PRO A 348 -14.49 19.46 11.57
CA PRO A 348 -14.81 18.03 11.78
C PRO A 348 -13.82 17.14 11.03
N LEU A 349 -13.13 16.25 11.78
CA LEU A 349 -12.11 15.40 11.19
C LEU A 349 -12.03 14.05 11.87
N VAL A 350 -11.89 13.01 11.05
CA VAL A 350 -11.66 11.68 11.57
C VAL A 350 -10.26 11.26 11.14
N VAL A 351 -9.48 10.71 12.08
CA VAL A 351 -8.17 10.18 11.72
C VAL A 351 -8.14 8.67 11.98
N ASN A 352 -7.89 7.86 10.94
CA ASN A 352 -7.71 6.40 11.11
C ASN A 352 -6.22 6.09 11.08
N HIS A 353 -5.73 5.17 11.94
CA HIS A 353 -4.30 4.86 11.91
C HIS A 353 -4.02 3.52 12.56
N VAL A 354 -3.03 2.82 12.00
CA VAL A 354 -2.58 1.52 12.48
C VAL A 354 -1.12 1.35 12.01
N GLY A 355 -0.23 0.99 12.95
CA GLY A 355 1.20 0.87 12.68
C GLY A 355 1.71 2.15 12.02
N GLY A 356 2.34 2.02 10.86
CA GLY A 356 2.87 3.18 10.15
C GLY A 356 1.99 3.73 9.05
N MSE A 357 0.69 3.51 9.16
CA MSE A 357 -0.32 3.91 8.17
C MSE A 357 -1.39 4.83 8.77
O MSE A 357 -1.80 4.61 9.89
CB MSE A 357 -1.06 2.69 7.69
CG MSE A 357 -0.72 2.18 6.34
SE MSE A 357 -2.04 0.83 5.87
CE MSE A 357 -3.43 1.98 5.15
N PHE A 358 -1.85 5.82 8.00
CA PHE A 358 -2.90 6.70 8.56
C PHE A 358 -3.79 7.23 7.46
N GLY A 359 -4.90 7.83 7.84
CA GLY A 359 -5.85 8.39 6.92
C GLY A 359 -6.58 9.54 7.54
N LEU A 360 -6.75 10.63 6.77
CA LEU A 360 -7.45 11.85 7.21
C LEU A 360 -8.77 11.92 6.50
N PHE A 361 -9.85 12.25 7.24
CA PHE A 361 -11.18 12.32 6.63
C PHE A 361 -11.95 13.56 7.09
N PHE A 362 -12.32 14.46 6.15
CA PHE A 362 -13.09 15.66 6.50
C PHE A 362 -14.57 15.29 6.46
N THR A 363 -15.10 14.94 7.62
CA THR A 363 -16.48 14.45 7.77
C THR A 363 -16.99 14.78 9.14
N ASN A 364 -18.33 14.85 9.28
CA ASN A 364 -19.01 15.06 10.58
C ASN A 364 -19.26 13.70 11.27
N ALA A 365 -19.09 12.58 10.53
CA ALA A 365 -19.30 11.22 11.07
C ALA A 365 -18.37 10.96 12.24
N ASP A 366 -18.82 10.14 13.21
CA ASP A 366 -18.02 9.81 14.39
C ASP A 366 -16.88 8.85 14.03
N THR A 367 -17.13 7.92 13.10
CA THR A 367 -16.14 6.93 12.65
C THR A 367 -16.22 6.78 11.12
N VAL A 368 -15.12 6.30 10.51
CA VAL A 368 -15.05 6.01 9.07
C VAL A 368 -14.64 4.53 8.97
N THR A 369 -15.61 3.64 8.68
CA THR A 369 -15.35 2.20 8.67
C THR A 369 -15.70 1.54 7.35
N CYS A 370 -16.18 2.30 6.36
CA CYS A 370 -16.61 1.70 5.11
C CYS A 370 -16.50 2.68 3.97
N TYR A 371 -16.64 2.16 2.74
CA TYR A 371 -16.58 2.90 1.49
C TYR A 371 -17.61 4.04 1.47
N GLN A 372 -18.86 3.80 1.98
CA GLN A 372 -19.92 4.80 2.02
C GLN A 372 -19.49 6.00 2.87
N ASP A 373 -18.79 5.74 4.01
CA ASP A 373 -18.29 6.81 4.88
C ASP A 373 -17.28 7.66 4.14
N VAL A 374 -16.36 7.03 3.38
CA VAL A 374 -15.33 7.73 2.59
C VAL A 374 -16.01 8.63 1.54
N MSE A 375 -17.01 8.09 0.82
CA MSE A 375 -17.78 8.83 -0.19
C MSE A 375 -18.48 10.06 0.41
O MSE A 375 -18.62 11.05 -0.30
CB MSE A 375 -18.85 7.92 -0.84
CG MSE A 375 -18.28 6.83 -1.71
SE MSE A 375 -17.02 7.53 -3.00
CE MSE A 375 -15.39 6.88 -2.22
N ASN A 376 -18.89 10.00 1.70
CA ASN A 376 -19.57 11.11 2.39
C ASN A 376 -18.60 12.18 2.90
N CYS A 377 -17.29 12.03 2.69
CA CYS A 377 -16.33 13.04 3.15
C CYS A 377 -16.34 14.25 2.21
N ASP A 378 -15.92 15.42 2.76
CA ASP A 378 -15.89 16.71 2.07
C ASP A 378 -14.61 16.75 1.22
N VAL A 379 -14.72 16.34 -0.05
CA VAL A 379 -13.61 16.25 -1.01
C VAL A 379 -13.04 17.65 -1.38
N GLU A 380 -13.89 18.68 -1.50
CA GLU A 380 -13.45 20.05 -1.84
C GLU A 380 -12.65 20.64 -0.68
N ARG A 381 -13.03 20.30 0.57
CA ARG A 381 -12.29 20.72 1.78
C ARG A 381 -10.92 20.03 1.77
N PHE A 382 -10.86 18.73 1.42
CA PHE A 382 -9.56 18.04 1.37
C PHE A 382 -8.64 18.72 0.35
N LYS A 383 -9.19 19.06 -0.85
CA LYS A 383 -8.44 19.71 -1.94
C LYS A 383 -7.82 21.03 -1.49
N ARG A 384 -8.58 21.86 -0.73
CA ARG A 384 -8.06 23.14 -0.23
C ARG A 384 -6.97 22.87 0.84
N PHE A 385 -7.21 21.87 1.73
CA PHE A 385 -6.27 21.48 2.78
C PHE A 385 -4.94 21.02 2.17
N PHE A 386 -5.02 20.17 1.15
CA PHE A 386 -3.84 19.64 0.46
C PHE A 386 -2.96 20.78 -0.08
N HIS A 387 -3.55 21.74 -0.80
CA HIS A 387 -2.78 22.86 -1.37
C HIS A 387 -2.23 23.76 -0.29
N LEU A 388 -3.00 23.99 0.81
CA LEU A 388 -2.52 24.82 1.91
C LEU A 388 -1.33 24.13 2.60
N MSE A 389 -1.38 22.80 2.73
CA MSE A 389 -0.29 22.03 3.36
C MSE A 389 0.97 22.06 2.47
O MSE A 389 2.06 22.13 3.04
CB MSE A 389 -0.70 20.60 3.70
CG MSE A 389 -1.69 20.52 4.85
SE MSE A 389 -0.84 20.99 6.55
CE MSE A 389 -0.31 19.17 7.04
N LEU A 390 0.84 22.03 1.12
CA LEU A 390 2.02 22.12 0.23
C LEU A 390 2.73 23.44 0.48
N GLU A 391 1.97 24.53 0.66
CA GLU A 391 2.53 25.86 0.94
C GLU A 391 3.31 25.87 2.28
N GLU A 392 2.88 25.04 3.25
CA GLU A 392 3.51 24.86 4.56
C GLU A 392 4.72 23.89 4.53
N GLY A 393 5.04 23.39 3.34
CA GLY A 393 6.16 22.47 3.17
C GLY A 393 5.81 21.07 3.68
N VAL A 394 4.59 20.61 3.42
CA VAL A 394 4.15 19.25 3.83
C VAL A 394 3.57 18.61 2.59
N TYR A 395 4.10 17.44 2.23
CA TYR A 395 3.62 16.73 1.05
C TYR A 395 2.76 15.52 1.45
N LEU A 396 1.44 15.66 1.28
CA LEU A 396 0.45 14.61 1.56
C LEU A 396 0.04 13.93 0.29
N ALA A 397 -0.58 12.75 0.38
CA ALA A 397 -1.03 12.10 -0.84
C ALA A 397 -2.03 13.05 -1.48
N PRO A 398 -1.89 13.27 -2.78
CA PRO A 398 -2.78 14.23 -3.44
C PRO A 398 -4.09 13.61 -3.88
N SER A 399 -4.76 12.93 -2.95
CA SER A 399 -6.08 12.37 -3.18
C SER A 399 -6.80 12.17 -1.85
N ALA A 400 -8.13 12.30 -1.87
CA ALA A 400 -8.95 12.05 -0.70
C ALA A 400 -9.09 10.54 -0.44
N PHE A 401 -8.75 9.75 -1.44
CA PHE A 401 -8.93 8.30 -1.46
C PHE A 401 -7.58 7.55 -1.37
N GLU A 402 -6.57 8.20 -0.75
CA GLU A 402 -5.26 7.58 -0.56
C GLU A 402 -4.83 7.69 0.89
N ALA A 403 -4.17 6.66 1.42
CA ALA A 403 -3.69 6.65 2.81
C ALA A 403 -2.40 7.44 2.92
N GLY A 404 -2.05 7.82 4.13
CA GLY A 404 -0.80 8.50 4.46
C GLY A 404 0.18 7.51 5.04
N PHE A 405 1.47 7.80 4.87
CA PHE A 405 2.51 6.89 5.31
C PHE A 405 3.54 7.58 6.20
N MSE A 406 3.86 6.95 7.34
CA MSE A 406 4.89 7.40 8.28
C MSE A 406 6.17 6.67 7.99
O MSE A 406 6.12 5.48 7.69
CB MSE A 406 4.44 7.11 9.71
CG MSE A 406 5.43 7.57 10.78
SE MSE A 406 5.76 9.46 10.70
CE MSE A 406 3.94 10.10 11.13
N SER A 407 7.32 7.36 8.16
CA SER A 407 8.60 6.70 7.99
C SER A 407 9.36 6.76 9.27
N LEU A 408 10.33 5.86 9.40
CA LEU A 408 11.20 5.80 10.57
C LEU A 408 12.20 6.96 10.56
N ALA A 409 12.30 7.73 9.44
CA ALA A 409 13.22 8.87 9.44
C ALA A 409 12.53 10.15 9.97
N HIS A 410 11.17 10.16 10.12
CA HIS A 410 10.45 11.34 10.67
C HIS A 410 10.83 11.52 12.15
N SER A 411 11.20 12.73 12.52
CA SER A 411 11.56 13.05 13.90
C SER A 411 10.35 13.62 14.64
N ASN A 412 10.40 13.67 15.99
CA ASN A 412 9.35 14.30 16.79
C ASN A 412 9.14 15.76 16.34
N GLU A 413 10.25 16.45 16.00
CA GLU A 413 10.22 17.83 15.49
C GLU A 413 9.45 17.90 14.15
N ASP A 414 9.64 16.91 13.24
CA ASP A 414 8.92 16.86 11.96
C ASP A 414 7.43 16.74 12.20
N ILE A 415 7.08 15.86 13.14
CA ILE A 415 5.68 15.62 13.50
C ILE A 415 5.08 16.90 14.11
N GLN A 416 5.76 17.55 15.08
N GLN A 416 5.79 17.54 15.07
CA GLN A 416 5.19 18.77 15.70
CA GLN A 416 5.35 18.77 15.75
C GLN A 416 5.07 19.90 14.65
C GLN A 416 5.12 19.89 14.71
N LYS A 417 6.04 20.01 13.72
CA LYS A 417 5.98 20.99 12.61
C LYS A 417 4.77 20.72 11.72
N THR A 418 4.49 19.43 11.43
CA THR A 418 3.35 19.02 10.60
C THR A 418 2.03 19.38 11.34
N VAL A 419 1.95 19.05 12.64
CA VAL A 419 0.74 19.34 13.44
C VAL A 419 0.52 20.86 13.47
N ASN A 420 1.59 21.67 13.62
CA ASN A 420 1.49 23.15 13.68
C ASN A 420 1.04 23.70 12.35
N ALA A 421 1.57 23.15 11.25
CA ALA A 421 1.16 23.50 9.90
C ALA A 421 -0.32 23.12 9.67
N ALA A 422 -0.75 21.90 10.09
CA ALA A 422 -2.16 21.50 9.90
C ALA A 422 -3.10 22.42 10.66
N ARG A 423 -2.72 22.84 11.90
CA ARG A 423 -3.54 23.75 12.70
C ARG A 423 -3.75 25.07 11.97
N ARG A 424 -2.67 25.64 11.37
CA ARG A 424 -2.75 26.88 10.58
C ARG A 424 -3.62 26.68 9.36
N CYS A 425 -3.55 25.49 8.72
CA CYS A 425 -4.38 25.18 7.54
C CYS A 425 -5.85 25.02 7.94
N PHE A 426 -6.12 24.31 9.06
CA PHE A 426 -7.49 24.12 9.59
C PHE A 426 -8.14 25.47 9.90
N ALA A 427 -7.36 26.45 10.40
CA ALA A 427 -7.87 27.80 10.71
C ALA A 427 -8.32 28.55 9.44
N LYS A 428 -7.85 28.12 8.25
CA LYS A 428 -8.16 28.77 6.97
C LYS A 428 -9.28 28.06 6.16
N LEU A 429 -9.80 26.94 6.65
CA LEU A 429 -10.82 26.15 5.94
C LEU A 429 -12.24 26.69 6.16
NA NA B . -1.55 2.95 19.69
N NO3 C . 5.64 -3.32 -5.66
O1 NO3 C . 5.55 -3.47 -6.85
O2 NO3 C . 4.67 -3.56 -4.97
O3 NO3 C . 6.73 -2.89 -5.24
#